data_3CQV
#
_entry.id   3CQV
#
_cell.length_a   73.428
_cell.length_b   48.623
_cell.length_c   68.954
_cell.angle_alpha   90.00
_cell.angle_beta   90.00
_cell.angle_gamma   90.00
#
_symmetry.space_group_name_H-M   'P 21 21 2'
#
loop_
_entity.id
_entity.type
_entity.pdbx_description
1 polymer 'Nuclear receptor subfamily 1 group D member 2'
2 non-polymer 'PROTOPORPHYRIN IX CONTAINING FE'
3 water water
#
_entity_poly.entity_id   1
_entity_poly.type   'polypeptide(L)'
_entity_poly.pdbx_seq_one_letter_code
;HLVCP(MSE)SKSPYVDPHKSGHEIWEEFS(MSE)SFTPAVKEVVEFAKRIPGFRDLSQHDQVNLLKAGTFEVL(MSE)V
RFASLFDAKERTVTFLSGKKYSVDDLHS(MSE)GAGDLLNS(MSE)FEFSEKLNALQLSDEE(MSE)SLFTAVVLVSADR
SGIENVNSVEALQETLIRALRTLI(MSE)KNHPNEASIFTKLLLKLPDLRSLNN(MSE)HSEELLAFKVHP
;
_entity_poly.pdbx_strand_id   A
#
loop_
_chem_comp.id
_chem_comp.type
_chem_comp.name
_chem_comp.formula
HEM non-polymer 'PROTOPORPHYRIN IX CONTAINING FE' 'C34 H32 Fe N4 O4'
#
# COMPACT_ATOMS: atom_id res chain seq x y z
N HIS A 1 -15.27 -3.19 17.13
CA HIS A 1 -15.00 -3.16 15.65
C HIS A 1 -13.51 -3.08 15.26
N LEU A 2 -13.23 -3.65 14.10
CA LEU A 2 -11.90 -3.62 13.49
C LEU A 2 -12.14 -3.15 12.04
N VAL A 3 -11.98 -1.84 11.82
CA VAL A 3 -12.46 -1.23 10.59
C VAL A 3 -11.41 -1.21 9.47
N CYS A 4 -10.52 -2.18 9.49
CA CYS A 4 -9.49 -2.28 8.44
C CYS A 4 -9.95 -3.31 7.42
N PRO A 5 -10.00 -2.93 6.13
CA PRO A 5 -10.45 -3.85 5.08
C PRO A 5 -9.53 -5.04 4.82
N MSE A 6 -8.39 -5.13 5.49
CA MSE A 6 -7.60 -6.36 5.40
C MSE A 6 -8.28 -7.46 6.21
O MSE A 6 -7.88 -8.61 6.10
CB MSE A 6 -6.18 -6.16 5.91
CG MSE A 6 -5.38 -5.10 5.18
SE MSE A 6 -5.07 -5.60 3.35
CE MSE A 6 -6.43 -4.47 2.51
N SER A 7 -9.24 -7.09 7.06
CA SER A 7 -10.05 -8.05 7.85
C SER A 7 -11.13 -8.71 6.98
N LYS A 8 -11.75 -9.78 7.49
CA LYS A 8 -12.85 -10.42 6.75
C LYS A 8 -14.13 -9.65 6.93
N SER A 9 -14.23 -8.96 8.06
CA SER A 9 -15.42 -8.27 8.48
C SER A 9 -14.99 -7.28 9.56
N PRO A 10 -15.70 -6.14 9.69
CA PRO A 10 -15.33 -5.21 10.73
C PRO A 10 -15.87 -5.60 12.12
N TYR A 11 -16.62 -6.68 12.20
CA TYR A 11 -17.26 -7.03 13.48
C TYR A 11 -16.34 -7.94 14.25
N VAL A 12 -16.10 -7.60 15.51
CA VAL A 12 -15.27 -8.39 16.40
C VAL A 12 -16.15 -9.11 17.42
N ASP A 13 -15.92 -10.41 17.59
CA ASP A 13 -16.52 -11.16 18.70
C ASP A 13 -15.96 -10.66 20.02
N PRO A 14 -16.78 -9.92 20.80
CA PRO A 14 -16.28 -9.30 22.02
C PRO A 14 -15.92 -10.34 23.10
N HIS A 15 -16.27 -11.61 22.87
CA HIS A 15 -15.94 -12.68 23.83
C HIS A 15 -14.65 -13.40 23.49
N LYS A 16 -13.95 -12.93 22.45
CA LYS A 16 -12.62 -13.43 22.11
C LYS A 16 -11.55 -12.58 22.78
N SER A 17 -10.43 -13.20 23.14
CA SER A 17 -9.29 -12.50 23.72
C SER A 17 -8.65 -11.67 22.62
N GLY A 18 -7.88 -10.67 23.03
CA GLY A 18 -7.06 -9.87 22.11
C GLY A 18 -6.19 -10.74 21.22
N HIS A 19 -5.66 -11.83 21.77
CA HIS A 19 -4.82 -12.70 20.98
C HIS A 19 -5.60 -13.43 19.90
N GLU A 20 -6.79 -13.91 20.25
CA GLU A 20 -7.59 -14.67 19.27
C GLU A 20 -8.01 -13.75 18.14
N ILE A 21 -8.35 -12.51 18.51
CA ILE A 21 -8.79 -11.52 17.52
C ILE A 21 -7.63 -11.25 16.55
N TRP A 22 -6.43 -11.03 17.10
CA TRP A 22 -5.26 -10.85 16.22
C TRP A 22 -4.93 -12.04 15.33
N GLU A 23 -5.02 -13.25 15.90
CA GLU A 23 -4.76 -14.49 15.16
C GLU A 23 -5.69 -14.59 13.97
N GLU A 24 -6.99 -14.38 14.22
CA GLU A 24 -7.99 -14.46 13.15
C GLU A 24 -7.70 -13.38 12.11
N PHE A 25 -7.43 -12.16 12.57
CA PHE A 25 -7.10 -11.04 11.66
C PHE A 25 -5.87 -11.41 10.81
N SER A 26 -4.82 -11.95 11.46
CA SER A 26 -3.61 -12.39 10.75
C SER A 26 -3.86 -13.42 9.64
N MSE A 27 -4.81 -14.31 9.86
CA MSE A 27 -5.12 -15.27 8.83
C MSE A 27 -5.66 -14.57 7.59
O MSE A 27 -5.56 -15.10 6.50
CB MSE A 27 -6.12 -16.31 9.33
CG MSE A 27 -5.51 -17.35 10.26
SE MSE A 27 -7.04 -18.29 11.01
CE MSE A 27 -6.85 -17.77 12.88
N SER A 28 -6.24 -13.38 7.78
CA SER A 28 -6.77 -12.61 6.66
C SER A 28 -5.69 -11.78 5.96
N PHE A 29 -4.91 -11.01 6.73
CA PHE A 29 -3.91 -10.10 6.12
C PHE A 29 -2.58 -10.78 5.71
N THR A 30 -2.23 -11.91 6.33
CA THR A 30 -0.96 -12.59 6.05
C THR A 30 -0.73 -13.02 4.59
N PRO A 31 -1.74 -13.62 3.92
CA PRO A 31 -1.53 -13.91 2.50
C PRO A 31 -1.16 -12.69 1.66
N ALA A 32 -1.77 -11.55 1.94
CA ALA A 32 -1.44 -10.32 1.22
C ALA A 32 0.01 -9.91 1.48
N VAL A 33 0.45 -10.06 2.73
CA VAL A 33 1.80 -9.69 3.13
C VAL A 33 2.81 -10.58 2.43
N LYS A 34 2.53 -11.87 2.39
CA LYS A 34 3.40 -12.83 1.66
C LYS A 34 3.47 -12.57 0.16
N GLU A 35 2.38 -12.06 -0.43
CA GLU A 35 2.37 -11.68 -1.85
C GLU A 35 3.31 -10.51 -2.12
N VAL A 36 3.43 -9.59 -1.18
CA VAL A 36 4.38 -8.47 -1.30
C VAL A 36 5.82 -9.02 -1.27
N VAL A 37 6.12 -9.93 -0.35
CA VAL A 37 7.43 -10.59 -0.36
C VAL A 37 7.77 -11.24 -1.71
N GLU A 38 6.86 -11.98 -2.31
CA GLU A 38 7.13 -12.66 -3.59
C GLU A 38 7.30 -11.68 -4.75
N PHE A 39 6.52 -10.60 -4.70
CA PHE A 39 6.63 -9.48 -5.64
C PHE A 39 8.02 -8.86 -5.53
N ALA A 40 8.46 -8.56 -4.31
CA ALA A 40 9.78 -7.96 -4.11
C ALA A 40 10.88 -8.84 -4.66
N LYS A 41 10.78 -10.15 -4.44
CA LYS A 41 11.82 -11.09 -4.93
C LYS A 41 11.92 -11.05 -6.44
N ARG A 42 10.84 -10.62 -7.09
CA ARG A 42 10.78 -10.52 -8.55
C ARG A 42 11.25 -9.16 -9.13
N ILE A 43 11.62 -8.23 -8.25
CA ILE A 43 12.33 -7.04 -8.69
C ILE A 43 13.82 -7.42 -8.74
N PRO A 44 14.44 -7.45 -9.94
CA PRO A 44 15.75 -8.11 -10.07
C PRO A 44 16.79 -7.49 -9.15
N GLY A 45 16.85 -6.17 -9.14
CA GLY A 45 17.84 -5.47 -8.34
C GLY A 45 17.59 -5.55 -6.84
N PHE A 46 16.36 -5.89 -6.44
CA PHE A 46 16.04 -6.08 -5.01
C PHE A 46 16.91 -7.16 -4.36
N ARG A 47 17.14 -8.25 -5.10
CA ARG A 47 17.91 -9.36 -4.60
C ARG A 47 19.39 -9.02 -4.39
N ASP A 48 19.86 -7.95 -5.04
CA ASP A 48 21.27 -7.49 -4.88
C ASP A 48 21.49 -6.57 -3.70
N LEU A 49 20.40 -6.10 -3.09
CA LEU A 49 20.49 -5.37 -1.82
C LEU A 49 20.91 -6.32 -0.71
N SER A 50 21.50 -5.79 0.36
CA SER A 50 21.86 -6.68 1.49
C SER A 50 20.59 -7.33 2.07
N GLN A 51 20.74 -8.49 2.72
CA GLN A 51 19.61 -9.13 3.36
C GLN A 51 18.92 -8.21 4.37
N HIS A 52 19.73 -7.46 5.13
CA HIS A 52 19.21 -6.52 6.11
C HIS A 52 18.34 -5.46 5.42
N ASP A 53 18.84 -4.92 4.31
CA ASP A 53 18.12 -3.84 3.65
C ASP A 53 16.88 -4.38 2.96
N GLN A 54 16.95 -5.59 2.42
CA GLN A 54 15.73 -6.22 1.89
C GLN A 54 14.61 -6.28 2.92
N VAL A 55 14.96 -6.77 4.10
CA VAL A 55 13.99 -6.99 5.18
C VAL A 55 13.43 -5.65 5.65
N ASN A 56 14.32 -4.66 5.80
CA ASN A 56 13.92 -3.32 6.22
C ASN A 56 13.04 -2.56 5.23
N LEU A 57 13.33 -2.67 3.94
CA LEU A 57 12.42 -2.16 2.92
C LEU A 57 11.06 -2.80 2.99
N LEU A 58 11.04 -4.13 3.17
CA LEU A 58 9.72 -4.77 3.27
C LEU A 58 8.98 -4.36 4.56
N LYS A 59 9.71 -4.23 5.66
N LYS A 59 9.70 -4.25 5.67
CA LYS A 59 9.12 -3.82 6.95
CA LYS A 59 9.07 -3.79 6.92
C LYS A 59 8.47 -2.42 6.89
C LYS A 59 8.36 -2.47 6.70
N ALA A 60 9.14 -1.53 6.17
CA ALA A 60 8.72 -0.12 6.08
C ALA A 60 7.73 0.07 4.95
N GLY A 61 7.85 -0.71 3.88
CA GLY A 61 7.10 -0.45 2.67
C GLY A 61 5.90 -1.34 2.34
N THR A 62 5.77 -2.46 3.04
CA THR A 62 4.70 -3.40 2.77
C THR A 62 3.33 -2.71 2.83
N PHE A 63 3.12 -1.85 3.84
CA PHE A 63 1.84 -1.16 3.89
C PHE A 63 1.58 -0.32 2.65
N GLU A 64 2.59 0.41 2.19
CA GLU A 64 2.39 1.30 1.03
C GLU A 64 2.15 0.51 -0.24
N VAL A 65 2.84 -0.60 -0.37
CA VAL A 65 2.61 -1.52 -1.50
C VAL A 65 1.15 -2.01 -1.53
N LEU A 66 0.68 -2.51 -0.39
CA LEU A 66 -0.68 -2.97 -0.28
C LEU A 66 -1.69 -1.82 -0.47
N MSE A 67 -1.38 -0.62 0.00
CA MSE A 67 -2.30 0.52 -0.19
C MSE A 67 -2.54 0.76 -1.69
O MSE A 67 -3.68 1.06 -2.13
CB MSE A 67 -1.74 1.75 0.53
CG MSE A 67 -2.55 3.03 0.42
SE MSE A 67 -4.22 2.84 1.47
CE MSE A 67 -5.46 2.82 0.01
N VAL A 68 -1.46 0.63 -2.49
CA VAL A 68 -1.56 0.80 -3.93
C VAL A 68 -2.32 -0.36 -4.56
N ARG A 69 -1.91 -1.55 -4.19
CA ARG A 69 -2.52 -2.77 -4.70
C ARG A 69 -4.03 -2.83 -4.38
N PHE A 70 -4.41 -2.37 -3.19
CA PHE A 70 -5.81 -2.45 -2.75
C PHE A 70 -6.59 -1.13 -2.79
N ALA A 71 -6.06 -0.15 -3.51
CA ALA A 71 -6.78 1.11 -3.72
C ALA A 71 -8.14 0.82 -4.38
N SER A 72 -8.21 -0.22 -5.18
CA SER A 72 -9.48 -0.54 -5.85
C SER A 72 -10.55 -1.13 -4.90
N LEU A 73 -10.23 -1.35 -3.62
CA LEU A 73 -11.24 -1.73 -2.62
C LEU A 73 -12.12 -0.55 -2.19
N PHE A 74 -11.66 0.66 -2.49
CA PHE A 74 -12.31 1.88 -2.08
C PHE A 74 -13.05 2.38 -3.31
N ASP A 75 -14.38 2.35 -3.25
CA ASP A 75 -15.20 2.78 -4.41
C ASP A 75 -15.75 4.16 -4.05
N ALA A 76 -15.10 5.21 -4.53
CA ALA A 76 -15.52 6.56 -4.13
C ALA A 76 -16.96 6.93 -4.59
N LYS A 77 -17.38 6.42 -5.74
CA LYS A 77 -18.73 6.66 -6.25
C LYS A 77 -19.82 6.00 -5.42
N GLU A 78 -19.63 4.72 -5.08
CA GLU A 78 -20.56 3.99 -4.23
C GLU A 78 -20.38 4.33 -2.74
N ARG A 79 -19.24 4.95 -2.41
CA ARG A 79 -18.83 5.21 -1.04
C ARG A 79 -18.84 3.95 -0.21
N THR A 80 -18.21 2.91 -0.75
CA THR A 80 -18.09 1.61 -0.06
C THR A 80 -16.64 1.15 -0.02
N VAL A 81 -16.32 0.37 1.00
CA VAL A 81 -15.04 -0.28 1.08
C VAL A 81 -15.30 -1.78 1.04
N THR A 82 -14.61 -2.46 0.15
CA THR A 82 -14.71 -3.91 0.03
C THR A 82 -13.64 -4.52 0.95
N PHE A 83 -14.06 -5.43 1.82
CA PHE A 83 -13.12 -6.09 2.72
C PHE A 83 -12.58 -7.34 2.04
N LEU A 84 -11.55 -7.96 2.61
CA LEU A 84 -10.87 -9.08 1.94
C LEU A 84 -11.75 -10.31 1.69
N SER A 85 -12.88 -10.36 2.38
CA SER A 85 -13.89 -11.40 2.14
C SER A 85 -14.73 -11.15 0.88
N GLY A 86 -14.72 -9.91 0.39
CA GLY A 86 -15.61 -9.54 -0.70
C GLY A 86 -16.84 -8.80 -0.22
N LYS A 87 -17.09 -8.83 1.08
CA LYS A 87 -18.19 -8.08 1.65
C LYS A 87 -17.85 -6.59 1.56
N LYS A 88 -18.89 -5.76 1.41
CA LYS A 88 -18.77 -4.30 1.25
C LYS A 88 -19.50 -3.57 2.35
N TYR A 89 -18.90 -2.47 2.80
CA TYR A 89 -19.43 -1.67 3.90
C TYR A 89 -19.45 -0.21 3.48
N SER A 90 -20.52 0.51 3.79
CA SER A 90 -20.58 1.93 3.42
C SER A 90 -19.61 2.75 4.27
N VAL A 91 -19.15 3.89 3.75
CA VAL A 91 -18.36 4.84 4.57
C VAL A 91 -19.10 5.26 5.85
N ASP A 92 -20.38 5.60 5.74
CA ASP A 92 -21.17 5.99 6.92
C ASP A 92 -21.13 4.93 8.02
N ASP A 93 -21.33 3.66 7.65
CA ASP A 93 -21.33 2.57 8.63
C ASP A 93 -19.95 2.44 9.26
N LEU A 94 -18.90 2.50 8.43
CA LEU A 94 -17.55 2.40 8.96
C LEU A 94 -17.24 3.56 9.90
N HIS A 95 -17.69 4.77 9.57
CA HIS A 95 -17.52 5.92 10.48
C HIS A 95 -18.22 5.66 11.84
N SER A 96 -19.42 5.09 11.80
CA SER A 96 -20.12 4.76 13.06
C SER A 96 -19.40 3.67 13.86
N MSE A 97 -18.67 2.82 13.16
CA MSE A 97 -17.84 1.80 13.77
C MSE A 97 -16.46 2.31 14.19
O MSE A 97 -15.61 1.52 14.62
CB MSE A 97 -17.71 0.60 12.84
CG MSE A 97 -18.99 -0.11 12.62
SE MSE A 97 -18.71 -1.74 11.64
CE MSE A 97 -19.53 -1.29 9.92
N GLY A 98 -16.24 3.61 14.06
CA GLY A 98 -15.00 4.23 14.52
C GLY A 98 -13.96 4.60 13.49
N ALA A 99 -14.28 4.51 12.21
CA ALA A 99 -13.34 5.00 11.20
C ALA A 99 -13.44 6.52 11.20
N GLY A 100 -12.43 7.20 10.67
CA GLY A 100 -12.42 8.67 10.71
C GLY A 100 -11.60 9.25 9.60
N ASP A 101 -10.72 10.18 9.94
CA ASP A 101 -9.99 10.93 8.89
C ASP A 101 -9.16 10.01 8.03
N LEU A 102 -8.55 8.98 8.62
CA LEU A 102 -7.70 8.11 7.80
C LEU A 102 -8.47 7.44 6.66
N LEU A 103 -9.63 6.85 6.98
CA LEU A 103 -10.49 6.27 5.95
C LEU A 103 -10.79 7.31 4.87
N ASN A 104 -11.14 8.53 5.27
CA ASN A 104 -11.42 9.58 4.29
C ASN A 104 -10.22 9.85 3.39
N SER A 105 -9.03 9.94 3.99
CA SER A 105 -7.79 10.18 3.23
C SER A 105 -7.47 9.05 2.26
N MSE A 106 -7.75 7.80 2.66
CA MSE A 106 -7.59 6.67 1.73
C MSE A 106 -8.56 6.73 0.56
O MSE A 106 -8.20 6.33 -0.54
CB MSE A 106 -7.72 5.36 2.48
CG MSE A 106 -6.60 5.21 3.44
SE MSE A 106 -6.82 3.50 4.30
CE MSE A 106 -5.15 3.49 5.28
N PHE A 107 -9.79 7.19 0.80
CA PHE A 107 -10.73 7.36 -0.31
C PHE A 107 -10.21 8.38 -1.25
N GLU A 108 -9.69 9.47 -0.70
CA GLU A 108 -9.17 10.53 -1.52
C GLU A 108 -7.99 10.02 -2.34
N PHE A 109 -7.04 9.36 -1.67
CA PHE A 109 -5.91 8.75 -2.37
C PHE A 109 -6.37 7.77 -3.46
N SER A 110 -7.27 6.87 -3.12
CA SER A 110 -7.66 5.81 -4.06
C SER A 110 -8.41 6.38 -5.22
N GLU A 111 -9.23 7.41 -4.97
CA GLU A 111 -10.02 8.02 -6.03
C GLU A 111 -9.08 8.60 -7.08
N LYS A 112 -8.06 9.34 -6.63
CA LYS A 112 -7.07 9.93 -7.52
C LYS A 112 -6.21 8.89 -8.26
N LEU A 113 -5.77 7.85 -7.55
CA LEU A 113 -5.05 6.76 -8.21
C LEU A 113 -5.98 5.96 -9.14
N ASN A 114 -7.17 5.54 -8.64
CA ASN A 114 -8.10 4.67 -9.41
C ASN A 114 -8.44 5.37 -10.69
N ALA A 115 -8.52 6.70 -10.62
CA ALA A 115 -8.95 7.50 -11.76
C ALA A 115 -7.89 7.58 -12.84
N LEU A 116 -6.62 7.36 -12.47
CA LEU A 116 -5.56 7.28 -13.49
C LEU A 116 -5.73 6.03 -14.34
N GLN A 117 -6.50 5.07 -13.82
CA GLN A 117 -6.67 3.73 -14.40
C GLN A 117 -5.38 3.25 -15.10
N LEU A 118 -4.37 2.99 -14.28
CA LEU A 118 -3.10 2.47 -14.75
C LEU A 118 -3.31 1.05 -15.30
N SER A 119 -2.56 0.71 -16.33
CA SER A 119 -2.51 -0.69 -16.80
C SER A 119 -1.79 -1.54 -15.75
N ASP A 120 -1.93 -2.86 -15.84
CA ASP A 120 -1.21 -3.77 -14.95
C ASP A 120 0.30 -3.55 -14.98
N GLU A 121 0.91 -3.38 -16.16
CA GLU A 121 2.36 -3.17 -16.28
C GLU A 121 2.80 -1.86 -15.60
N GLU A 122 2.01 -0.81 -15.81
CA GLU A 122 2.28 0.51 -15.22
C GLU A 122 2.11 0.42 -13.70
N MSE A 123 1.03 -0.22 -13.27
CA MSE A 123 0.78 -0.34 -11.86
C MSE A 123 1.88 -1.19 -11.19
O MSE A 123 2.35 -0.85 -10.10
CB MSE A 123 -0.63 -0.91 -11.59
CG MSE A 123 -0.89 -1.16 -10.13
SE MSE A 123 -1.30 0.59 -9.42
CE MSE A 123 -3.11 0.84 -10.13
N SER A 124 2.31 -2.27 -11.85
CA SER A 124 3.35 -3.12 -11.30
C SER A 124 4.69 -2.38 -11.15
N LEU A 125 5.07 -1.58 -12.15
CA LEU A 125 6.34 -0.85 -12.07
C LEU A 125 6.25 0.28 -11.03
N PHE A 126 5.10 0.93 -10.99
CA PHE A 126 4.87 1.96 -9.94
C PHE A 126 4.99 1.35 -8.54
N THR A 127 4.39 0.17 -8.35
CA THR A 127 4.46 -0.52 -7.06
C THR A 127 5.89 -0.91 -6.69
N ALA A 128 6.72 -1.31 -7.67
CA ALA A 128 8.13 -1.53 -7.38
C ALA A 128 8.80 -0.26 -6.88
N VAL A 129 8.49 0.87 -7.52
CA VAL A 129 9.03 2.17 -7.13
C VAL A 129 8.63 2.50 -5.70
N VAL A 130 7.36 2.23 -5.39
CA VAL A 130 6.81 2.48 -4.03
C VAL A 130 7.62 1.69 -3.01
N LEU A 131 7.80 0.39 -3.25
CA LEU A 131 8.56 -0.45 -2.30
C LEU A 131 10.00 0.01 -2.06
N VAL A 132 10.72 0.31 -3.13
N VAL A 132 10.70 0.34 -3.14
CA VAL A 132 12.11 0.69 -2.96
CA VAL A 132 12.10 0.72 -3.07
C VAL A 132 12.25 2.11 -2.41
C VAL A 132 12.28 2.19 -2.61
N SER A 133 11.17 2.88 -2.44
CA SER A 133 11.14 4.26 -1.91
C SER A 133 10.77 4.29 -0.44
N ALA A 134 10.62 3.11 0.19
CA ALA A 134 10.24 3.04 1.60
C ALA A 134 11.18 3.79 2.52
N ASP A 135 10.63 4.24 3.67
CA ASP A 135 11.43 4.93 4.70
C ASP A 135 12.80 4.30 4.86
N ARG A 136 13.84 5.12 4.79
CA ARG A 136 15.23 4.61 4.82
C ARG A 136 15.84 4.55 6.23
N SER A 137 15.06 4.85 7.27
CA SER A 137 15.68 4.98 8.60
C SER A 137 16.38 3.67 9.03
N GLY A 138 15.79 2.54 8.66
CA GLY A 138 16.38 1.23 8.91
C GLY A 138 17.41 0.70 7.89
N ILE A 139 17.90 1.57 6.99
CA ILE A 139 18.77 1.08 5.88
C ILE A 139 20.28 1.25 6.07
N GLU A 140 21.03 0.17 5.85
CA GLU A 140 22.49 0.15 6.03
C GLU A 140 23.28 0.59 4.80
N ASN A 141 22.73 0.38 3.60
CA ASN A 141 23.43 0.77 2.40
C ASN A 141 22.52 1.69 1.59
N VAL A 142 22.44 2.95 2.02
CA VAL A 142 21.48 3.89 1.44
C VAL A 142 21.74 4.09 -0.04
N ASN A 143 23.00 4.24 -0.40
CA ASN A 143 23.34 4.46 -1.79
C ASN A 143 22.87 3.30 -2.69
N SER A 144 23.00 2.06 -2.22
CA SER A 144 22.51 0.91 -3.04
C SER A 144 20.99 0.96 -3.27
N VAL A 145 20.25 1.40 -2.25
CA VAL A 145 18.78 1.46 -2.36
C VAL A 145 18.43 2.62 -3.26
N GLU A 146 19.15 3.71 -3.13
CA GLU A 146 18.91 4.86 -4.02
C GLU A 146 19.22 4.55 -5.48
N ALA A 147 20.25 3.75 -5.71
CA ALA A 147 20.62 3.35 -7.07
C ALA A 147 19.50 2.51 -7.71
N LEU A 148 18.94 1.61 -6.93
CA LEU A 148 17.85 0.78 -7.40
C LEU A 148 16.60 1.60 -7.62
N GLN A 149 16.30 2.52 -6.68
CA GLN A 149 15.19 3.43 -6.88
C GLN A 149 15.34 4.20 -8.21
N GLU A 150 16.53 4.75 -8.45
CA GLU A 150 16.77 5.51 -9.67
C GLU A 150 16.54 4.66 -10.92
N THR A 151 17.00 3.41 -10.90
CA THR A 151 16.82 2.48 -12.01
C THR A 151 15.34 2.23 -12.33
N LEU A 152 14.56 1.97 -11.28
CA LEU A 152 13.12 1.73 -11.43
C LEU A 152 12.33 2.94 -11.86
N ILE A 153 12.69 4.11 -11.32
CA ILE A 153 12.09 5.38 -11.76
C ILE A 153 12.37 5.68 -13.23
N ARG A 154 13.60 5.42 -13.66
CA ARG A 154 13.91 5.56 -15.09
C ARG A 154 13.06 4.63 -15.96
N ALA A 155 12.93 3.37 -15.55
CA ALA A 155 12.07 2.42 -16.27
C ALA A 155 10.63 2.94 -16.32
N LEU A 156 10.16 3.47 -15.19
CA LEU A 156 8.79 3.99 -15.12
C LEU A 156 8.57 5.20 -16.04
N ARG A 157 9.54 6.11 -16.07
CA ARG A 157 9.48 7.25 -16.99
C ARG A 157 9.38 6.77 -18.44
N THR A 158 10.21 5.81 -18.78
CA THR A 158 10.25 5.18 -20.12
C THR A 158 8.94 4.49 -20.48
N LEU A 159 8.39 3.71 -19.55
CA LEU A 159 7.07 3.11 -19.77
C LEU A 159 5.94 4.16 -19.94
N ILE A 160 5.94 5.17 -19.09
CA ILE A 160 4.90 6.20 -19.16
C ILE A 160 4.99 6.97 -20.47
N MSE A 161 6.21 7.25 -20.92
CA MSE A 161 6.42 7.97 -22.17
C MSE A 161 6.00 7.15 -23.38
O MSE A 161 5.46 7.69 -24.33
CB MSE A 161 7.85 8.47 -22.31
CG MSE A 161 8.22 9.53 -21.30
SE MSE A 161 10.02 10.27 -21.54
CE MSE A 161 11.08 8.62 -21.67
N LYS A 162 6.22 5.84 -23.33
N LYS A 162 6.20 5.84 -23.31
CA LYS A 162 5.73 4.93 -24.37
CA LYS A 162 5.76 4.95 -24.38
C LYS A 162 4.21 4.96 -24.42
C LYS A 162 4.24 4.85 -24.43
N ASN A 163 3.60 4.78 -23.26
CA ASN A 163 2.15 4.58 -23.16
C ASN A 163 1.34 5.86 -23.20
N HIS A 164 1.95 6.98 -22.84
CA HIS A 164 1.24 8.24 -22.73
C HIS A 164 2.09 9.34 -23.35
N PRO A 165 2.40 9.24 -24.66
CA PRO A 165 3.37 10.19 -25.24
C PRO A 165 2.91 11.65 -25.19
N ASN A 166 1.61 11.87 -24.99
CA ASN A 166 1.04 13.22 -24.94
C ASN A 166 0.53 13.59 -23.55
N GLU A 167 0.86 12.74 -22.57
CA GLU A 167 0.50 13.03 -21.19
C GLU A 167 1.60 12.57 -20.25
N ALA A 168 2.80 13.09 -20.48
CA ALA A 168 3.99 12.75 -19.67
C ALA A 168 3.83 13.09 -18.19
N SER A 169 2.98 14.08 -17.90
CA SER A 169 2.66 14.50 -16.53
C SER A 169 2.16 13.38 -15.61
N ILE A 170 1.70 12.28 -16.20
CA ILE A 170 1.31 11.12 -15.41
C ILE A 170 2.51 10.65 -14.59
N PHE A 171 3.72 10.68 -15.16
CA PHE A 171 4.93 10.24 -14.43
C PHE A 171 5.15 11.10 -13.19
N THR A 172 5.11 12.41 -13.37
CA THR A 172 5.23 13.31 -12.23
C THR A 172 4.13 13.11 -11.20
N LYS A 173 2.88 13.00 -11.67
CA LYS A 173 1.77 12.72 -10.78
C LYS A 173 1.98 11.45 -9.95
N LEU A 174 2.55 10.38 -10.56
CA LEU A 174 2.87 9.17 -9.79
C LEU A 174 3.92 9.41 -8.70
N LEU A 175 5.00 10.13 -9.03
CA LEU A 175 6.04 10.44 -8.03
C LEU A 175 5.43 11.22 -6.85
N LEU A 176 4.48 12.09 -7.16
CA LEU A 176 3.84 12.92 -6.11
C LEU A 176 2.90 12.14 -5.21
N LYS A 177 2.58 10.92 -5.60
CA LYS A 177 1.83 10.01 -4.72
C LYS A 177 2.69 9.40 -3.62
N LEU A 178 4.02 9.41 -3.77
CA LEU A 178 4.91 8.87 -2.74
C LEU A 178 4.80 9.56 -1.35
N PRO A 179 4.85 10.91 -1.29
CA PRO A 179 4.65 11.47 0.08
C PRO A 179 3.22 11.27 0.60
N ASP A 180 2.22 11.23 -0.28
CA ASP A 180 0.85 10.89 0.11
C ASP A 180 0.80 9.48 0.76
N LEU A 181 1.40 8.49 0.10
CA LEU A 181 1.52 7.16 0.73
C LEU A 181 2.26 7.13 2.07
N ARG A 182 3.32 7.93 2.21
CA ARG A 182 4.05 8.01 3.46
C ARG A 182 3.15 8.57 4.59
N SER A 183 2.34 9.58 4.26
CA SER A 183 1.33 10.11 5.20
C SER A 183 0.32 9.04 5.61
N LEU A 184 -0.23 8.35 4.63
CA LEU A 184 -1.17 7.25 4.93
C LEU A 184 -0.49 6.25 5.84
N ASN A 185 0.77 5.92 5.55
CA ASN A 185 1.52 4.94 6.37
C ASN A 185 1.68 5.41 7.80
N ASN A 186 2.07 6.67 7.95
N ASN A 186 2.06 6.67 7.97
CA ASN A 186 2.24 7.30 9.27
CA ASN A 186 2.22 7.20 9.32
C ASN A 186 0.95 7.28 10.12
C ASN A 186 0.90 7.18 10.12
N MSE A 187 -0.15 7.75 9.54
CA MSE A 187 -1.47 7.76 10.21
C MSE A 187 -1.99 6.35 10.52
O MSE A 187 -2.60 6.07 11.58
CB MSE A 187 -2.49 8.46 9.29
CG MSE A 187 -2.23 9.92 9.03
SE MSE A 187 -3.55 10.53 7.71
CE MSE A 187 -2.70 10.22 6.04
N HIS A 188 -1.78 5.45 9.57
CA HIS A 188 -2.24 4.08 9.72
C HIS A 188 -1.50 3.34 10.83
N SER A 189 -0.19 3.55 10.92
CA SER A 189 0.61 2.92 12.00
C SER A 189 0.15 3.34 13.38
N GLU A 190 -0.23 4.61 13.49
CA GLU A 190 -0.81 5.15 14.71
C GLU A 190 -2.10 4.41 15.06
N GLU A 191 -2.99 4.23 14.07
CA GLU A 191 -4.23 3.48 14.28
C GLU A 191 -3.96 2.02 14.60
N LEU A 192 -2.99 1.42 13.90
CA LEU A 192 -2.67 0.01 14.10
C LEU A 192 -2.21 -0.22 15.54
N LEU A 193 -1.35 0.67 16.02
CA LEU A 193 -0.76 0.52 17.36
C LEU A 193 -1.72 0.88 18.50
N ALA A 194 -2.71 1.71 18.19
CA ALA A 194 -3.72 2.09 19.18
C ALA A 194 -4.83 1.04 19.35
N PHE A 195 -4.78 -0.04 18.58
CA PHE A 195 -5.88 -1.02 18.54
C PHE A 195 -6.00 -1.83 19.84
N LYS A 196 -7.07 -1.60 20.58
CA LYS A 196 -7.29 -2.27 21.89
C LYS A 196 -8.62 -2.99 21.95
CHA HEM B . -7.07 0.59 10.52
CHB HEM B . -4.22 -3.34 10.82
CHC HEM B . -3.05 -2.89 6.14
CHD HEM B . -6.83 0.12 5.70
C1A HEM B . -6.39 -0.50 11.02
C2A HEM B . -6.41 -0.96 12.39
C3A HEM B . -5.63 -2.06 12.50
C4A HEM B . -5.07 -2.32 11.17
CMA HEM B . -5.37 -2.92 13.77
CAA HEM B . -7.27 -0.26 13.45
CBA HEM B . -8.66 -0.89 13.36
CGA HEM B . -9.67 -0.28 14.31
O1A HEM B . -10.89 -0.55 14.10
O2A HEM B . -9.27 0.47 15.23
C1B HEM B . -3.63 -3.56 9.58
C2B HEM B . -2.62 -4.55 9.25
C3B HEM B . -2.30 -4.41 7.95
C4B HEM B . -3.10 -3.33 7.43
CMB HEM B . -2.01 -5.58 10.24
CAB HEM B . -1.32 -5.17 7.04
CBB HEM B . -0.93 -6.42 7.27
C1C HEM B . -3.98 -2.03 5.60
C2C HEM B . -4.10 -1.67 4.23
C3C HEM B . -5.14 -0.85 4.11
C4C HEM B . -5.71 -0.66 5.42
CMC HEM B . -3.16 -2.16 3.10
CAC HEM B . -5.70 -0.17 2.84
CBC HEM B . -5.78 -0.83 1.68
C1D HEM B . -7.26 0.53 6.93
C2D HEM B . -8.35 1.46 7.17
C3D HEM B . -8.43 1.63 8.66
C4D HEM B . -7.38 0.77 9.18
CMD HEM B . -9.26 2.13 6.11
CAD HEM B . -9.42 2.51 9.45
CBD HEM B . -8.92 3.96 9.27
CGD HEM B . -9.73 4.93 10.10
O1D HEM B . -9.83 4.69 11.33
O2D HEM B . -10.24 5.93 9.56
NA HEM B . -5.55 -1.32 10.31
NB HEM B . -3.90 -2.82 8.44
NC HEM B . -5.01 -1.43 6.31
ND HEM B . -6.72 0.17 8.14
FE HEM B . -5.31 -1.36 8.26
#